data_3GZH
#
_entry.id   3GZH
#
_cell.length_a   77.316
_cell.length_b   100.256
_cell.length_c   150.104
_cell.angle_alpha   90.00
_cell.angle_beta   90.00
_cell.angle_gamma   90.00
#
_symmetry.space_group_name_H-M   'I 2 2 2'
#
loop_
_entity.id
_entity.type
_entity.pdbx_description
1 polymer 'Adenylosuccinate lyase'
2 non-polymer 'SODIUM ION'
3 non-polymer 'PHOSPHATE ION'
4 water water
#
_entity_poly.entity_id   1
_entity_poly.type   'polypeptide(L)'
_entity_poly.pdbx_seq_one_letter_code
;MGSSHHHHHHHHDYDIPTTENLYFQGSELSSLTAVSPVDGRYGDKVSALRGIFSEYGLLKFRVQVEVRWLQKLAAHAAIK
EVPAFAADAIGYLDAIVANFSEEDAARIKTIERTTNHDVKAVEYFLKEKVAEIPELHAVSEFIHFACTSEDINNLSHALM
LKTARDEVILPYWRQLIDGIKDLAVQYRDIPLLSRTHGQPATPSTIGKEMANVAYRMERQYRQLNQVEILGKINGAVGNY
NAHIAAYPEVDWHQFSEEFVTSLGIQWNPYTTQIEPHDYIAELFDCVARFNTILIDFDRDVWGYIALNHFKQKTIAGEIG
SSTMPHKVNPIDFENSEGNLGLSNAVLQHLASKLPVSRWQRDLTDSTVLRNLGVGIGYALIAYQSTLKGVSKLEVNRDHL
LDELDHNWEVLAEPIQTVMRRYGIEKPYEKLKELTRGKRVDAEGMKQFIDGLALPEEEKARLKAMTPANYIGRAITMVDE
LK
;
_entity_poly.pdbx_strand_id   A
#
# COMPACT_ATOMS: atom_id res chain seq x y z
N TYR A 14 45.10 17.97 30.43
CA TYR A 14 44.59 17.04 31.50
C TYR A 14 43.06 16.93 31.47
N ASP A 15 42.49 16.67 30.29
CA ASP A 15 41.05 16.47 30.13
C ASP A 15 40.61 15.22 30.87
N ILE A 16 39.46 15.31 31.52
CA ILE A 16 38.92 14.20 32.31
C ILE A 16 37.69 13.63 31.59
N PRO A 17 37.35 12.36 31.86
CA PRO A 17 36.20 11.71 31.21
C PRO A 17 34.88 12.45 31.43
N THR A 18 34.13 12.65 30.36
CA THR A 18 32.80 13.30 30.42
C THR A 18 31.84 12.50 29.55
N THR A 19 30.55 12.79 29.60
CA THR A 19 29.56 11.90 28.99
C THR A 19 28.59 12.60 28.04
N GLU A 20 29.08 13.64 27.36
CA GLU A 20 28.26 14.36 26.39
C GLU A 20 27.95 13.45 25.21
N ASN A 21 28.81 12.46 24.97
CA ASN A 21 28.68 11.51 23.87
C ASN A 21 27.90 10.25 24.17
N LEU A 22 27.37 10.12 25.39
CA LEU A 22 26.65 8.91 25.73
C LEU A 22 25.38 8.75 24.88
N TYR A 23 25.22 7.58 24.32
CA TYR A 23 23.99 7.28 23.66
C TYR A 23 23.31 6.27 24.56
N PHE A 24 22.31 6.72 25.33
CA PHE A 24 21.62 5.83 26.24
C PHE A 24 20.17 5.58 25.87
N GLN A 25 19.87 4.33 25.54
CA GLN A 25 18.49 3.89 25.36
C GLN A 25 17.98 3.43 26.73
N GLY A 26 17.11 4.23 27.32
CA GLY A 26 16.51 3.85 28.60
C GLY A 26 15.53 2.70 28.46
N SER A 27 14.74 2.47 29.50
CA SER A 27 13.71 1.43 29.50
C SER A 27 12.32 2.05 29.26
N GLU A 28 12.32 3.35 28.94
CA GLU A 28 11.08 4.14 28.82
C GLU A 28 10.11 3.68 27.71
N LEU A 29 10.66 3.33 26.52
CA LEU A 29 9.82 2.97 25.36
C LEU A 29 9.36 1.52 25.30
N SER A 30 8.05 1.33 25.28
CA SER A 30 7.42 0.04 24.95
C SER A 30 6.20 0.36 24.11
N SER A 31 5.50 -0.67 23.66
CA SER A 31 4.26 -0.45 22.88
C SER A 31 3.22 0.29 23.70
N LEU A 32 3.25 0.11 25.02
CA LEU A 32 2.36 0.86 25.91
C LEU A 32 2.63 2.37 25.99
N THR A 33 3.89 2.76 25.93
CA THR A 33 4.24 4.19 26.07
C THR A 33 4.65 4.92 24.79
N ALA A 34 4.68 4.22 23.65
CA ALA A 34 4.94 4.84 22.33
C ALA A 34 3.91 5.93 21.99
N VAL A 35 4.37 7.07 21.47
CA VAL A 35 3.44 8.16 21.08
C VAL A 35 2.60 7.75 19.83
N SER A 36 3.25 7.13 18.85
CA SER A 36 2.55 6.70 17.63
C SER A 36 1.91 5.33 17.84
N PRO A 37 0.62 5.17 17.41
CA PRO A 37 0.04 3.84 17.53
C PRO A 37 0.62 2.85 16.56
N VAL A 38 1.38 3.32 15.58
CA VAL A 38 2.06 2.42 14.64
C VAL A 38 3.14 1.61 15.37
N ASP A 39 3.73 2.18 16.43
CA ASP A 39 4.64 1.44 17.31
C ASP A 39 4.00 1.04 18.64
N GLY A 40 2.83 1.62 18.92
CA GLY A 40 2.11 1.43 20.18
C GLY A 40 1.06 0.36 19.99
N ARG A 41 -0.20 0.79 20.01
CA ARG A 41 -1.35 -0.14 19.96
C ARG A 41 -1.27 -1.15 18.85
N TYR A 42 -0.78 -0.73 17.67
CA TYR A 42 -0.76 -1.62 16.52
C TYR A 42 0.66 -2.12 16.23
N GLY A 43 1.58 -1.94 17.17
CA GLY A 43 2.98 -2.36 16.94
C GLY A 43 3.14 -3.77 16.40
N ASP A 44 2.29 -4.69 16.85
CA ASP A 44 2.34 -6.08 16.40
C ASP A 44 1.90 -6.34 14.96
N LYS A 45 1.14 -5.41 14.39
CA LYS A 45 0.61 -5.56 13.04
C LYS A 45 1.63 -5.11 12.00
N VAL A 46 2.62 -4.30 12.44
CA VAL A 46 3.63 -3.70 11.53
C VAL A 46 5.04 -4.19 11.80
N SER A 47 5.16 -5.32 12.48
CA SER A 47 6.49 -5.83 12.85
C SER A 47 7.40 -6.05 11.62
N ALA A 48 6.84 -6.44 10.47
CA ALA A 48 7.63 -6.53 9.22
C ALA A 48 8.38 -5.23 8.84
N LEU A 49 7.82 -4.08 9.18
CA LEU A 49 8.43 -2.82 8.76
C LEU A 49 9.62 -2.40 9.62
N ARG A 50 9.67 -2.89 10.85
CA ARG A 50 10.80 -2.59 11.73
C ARG A 50 12.17 -3.00 11.18
N GLY A 51 12.20 -4.02 10.35
CA GLY A 51 13.45 -4.42 9.74
C GLY A 51 13.76 -3.62 8.49
N ILE A 52 12.82 -2.75 8.09
CA ILE A 52 12.94 -2.01 6.82
C ILE A 52 13.07 -0.51 7.05
N PHE A 53 12.13 0.09 7.76
CA PHE A 53 12.01 1.55 7.72
C PHE A 53 12.46 2.26 8.98
N SER A 54 12.81 1.49 10.00
CA SER A 54 13.32 2.05 11.26
C SER A 54 14.73 2.61 11.10
N GLU A 55 15.26 3.27 12.14
CA GLU A 55 16.65 3.76 12.01
C GLU A 55 17.60 2.56 11.86
N TYR A 56 17.34 1.48 12.60
CA TYR A 56 18.11 0.26 12.43
C TYR A 56 18.07 -0.21 10.94
N GLY A 57 16.89 -0.22 10.36
CA GLY A 57 16.73 -0.74 9.00
C GLY A 57 17.50 0.10 8.00
N LEU A 58 17.42 1.41 8.17
CA LEU A 58 18.11 2.37 7.30
C LEU A 58 19.63 2.18 7.43
N LEU A 59 20.11 2.09 8.68
CA LEU A 59 21.56 1.91 8.94
C LEU A 59 22.04 0.64 8.31
N LYS A 60 21.23 -0.40 8.42
CA LYS A 60 21.58 -1.68 7.85
C LYS A 60 21.70 -1.63 6.33
N PHE A 61 20.76 -1.02 5.62
CA PHE A 61 20.90 -0.81 4.19
C PHE A 61 22.07 0.10 3.81
N ARG A 62 22.34 1.16 4.59
CA ARG A 62 23.50 2.04 4.26
C ARG A 62 24.80 1.23 4.32
N VAL A 63 24.89 0.41 5.36
CA VAL A 63 26.07 -0.46 5.55
C VAL A 63 26.19 -1.38 4.33
N GLN A 64 25.09 -1.99 3.90
CA GLN A 64 25.12 -2.84 2.72
C GLN A 64 25.61 -2.10 1.48
N VAL A 65 25.06 -0.92 1.23
CA VAL A 65 25.47 -0.16 0.06
C VAL A 65 26.97 0.20 0.13
N GLU A 66 27.46 0.65 1.28
CA GLU A 66 28.85 1.08 1.43
C GLU A 66 29.80 -0.09 1.20
N VAL A 67 29.43 -1.25 1.70
CA VAL A 67 30.25 -2.45 1.58
C VAL A 67 30.27 -2.87 0.13
N ARG A 68 29.10 -2.85 -0.54
CA ARG A 68 29.02 -3.18 -1.95
C ARG A 68 29.82 -2.26 -2.89
N TRP A 69 29.83 -0.96 -2.56
CA TRP A 69 30.61 0.05 -3.28
C TRP A 69 32.12 -0.30 -3.23
N LEU A 70 32.64 -0.51 -2.01
CA LEU A 70 34.05 -0.93 -1.81
C LEU A 70 34.38 -2.21 -2.60
N GLN A 71 33.49 -3.18 -2.52
CA GLN A 71 33.65 -4.43 -3.26
C GLN A 71 33.71 -4.23 -4.78
N LYS A 72 32.93 -3.29 -5.31
CA LYS A 72 33.01 -3.01 -6.75
C LYS A 72 34.34 -2.30 -7.11
N LEU A 73 34.81 -1.40 -6.24
CA LEU A 73 36.10 -0.75 -6.45
C LEU A 73 37.22 -1.80 -6.50
N ALA A 74 37.18 -2.74 -5.55
CA ALA A 74 38.13 -3.90 -5.51
C ALA A 74 38.08 -4.73 -6.76
N ALA A 75 36.89 -4.96 -7.30
CA ALA A 75 36.80 -5.87 -8.46
C ALA A 75 37.07 -5.20 -9.79
N HIS A 76 37.18 -3.86 -9.78
CA HIS A 76 37.43 -3.11 -11.01
C HIS A 76 38.93 -3.00 -11.30
N ALA A 77 39.30 -3.44 -12.50
CA ALA A 77 40.71 -3.59 -12.88
C ALA A 77 41.52 -2.30 -12.99
N ALA A 78 40.85 -1.17 -13.22
CA ALA A 78 41.54 0.12 -13.42
C ALA A 78 41.75 0.87 -12.12
N ILE A 79 41.11 0.40 -11.06
CA ILE A 79 41.30 1.02 -9.75
C ILE A 79 42.36 0.19 -9.04
N LYS A 80 43.61 0.50 -9.35
CA LYS A 80 44.73 -0.38 -8.96
C LYS A 80 45.05 -0.29 -7.48
N GLU A 81 44.65 0.81 -6.86
CA GLU A 81 44.95 1.06 -5.46
C GLU A 81 44.07 0.28 -4.48
N VAL A 82 42.98 -0.28 -4.98
CA VAL A 82 42.14 -1.19 -4.22
C VAL A 82 42.29 -2.56 -4.88
N PRO A 83 43.25 -3.36 -4.40
CA PRO A 83 43.45 -4.71 -4.96
C PRO A 83 42.25 -5.63 -4.72
N ALA A 84 42.01 -6.53 -5.66
CA ALA A 84 40.96 -7.52 -5.54
C ALA A 84 41.06 -8.24 -4.19
N PHE A 85 39.91 -8.48 -3.57
CA PHE A 85 39.87 -9.05 -2.24
C PHE A 85 39.98 -10.57 -2.30
N ALA A 86 40.76 -11.15 -1.40
CA ALA A 86 40.75 -12.60 -1.16
C ALA A 86 39.38 -13.05 -0.59
N ALA A 87 39.08 -14.34 -0.74
CA ALA A 87 37.84 -14.94 -0.19
C ALA A 87 37.61 -14.58 1.28
N ASP A 88 38.67 -14.67 2.07
CA ASP A 88 38.69 -14.30 3.49
C ASP A 88 38.11 -12.90 3.72
N ALA A 89 38.67 -11.92 3.01
CA ALA A 89 38.25 -10.51 3.07
C ALA A 89 36.80 -10.32 2.60
N ILE A 90 36.44 -10.91 1.45
CA ILE A 90 35.08 -10.84 0.97
C ILE A 90 34.08 -11.33 2.05
N GLY A 91 34.40 -12.45 2.68
CA GLY A 91 33.58 -13.01 3.73
C GLY A 91 33.44 -12.13 4.96
N TYR A 92 34.53 -11.47 5.37
CA TYR A 92 34.47 -10.58 6.54
C TYR A 92 33.54 -9.37 6.27
N LEU A 93 33.64 -8.78 5.08
CA LEU A 93 32.76 -7.67 4.65
C LEU A 93 31.30 -8.10 4.57
N ASP A 94 31.05 -9.24 3.93
CA ASP A 94 29.70 -9.80 3.83
C ASP A 94 29.03 -10.07 5.18
N ALA A 95 29.82 -10.50 6.16
CA ALA A 95 29.35 -10.75 7.52
C ALA A 95 29.03 -9.45 8.27
N ILE A 96 29.77 -8.39 7.97
CA ILE A 96 29.48 -7.06 8.54
C ILE A 96 28.03 -6.70 8.18
N VAL A 97 27.70 -6.91 6.92
CA VAL A 97 26.37 -6.63 6.37
C VAL A 97 25.34 -7.59 6.97
N ALA A 98 25.60 -8.89 6.85
CA ALA A 98 24.63 -9.91 7.26
C ALA A 98 24.36 -9.94 8.75
N ASN A 99 25.40 -9.73 9.54
CA ASN A 99 25.28 -9.85 10.99
C ASN A 99 25.14 -8.48 11.67
N PHE A 100 24.84 -7.44 10.88
CA PHE A 100 24.65 -6.10 11.43
C PHE A 100 23.62 -6.11 12.58
N SER A 101 24.03 -5.60 13.73
CA SER A 101 23.25 -5.74 14.95
C SER A 101 22.74 -4.41 15.51
N GLU A 102 21.84 -4.46 16.48
CA GLU A 102 21.45 -3.26 17.21
C GLU A 102 22.63 -2.65 17.98
N GLU A 103 23.55 -3.48 18.48
CA GLU A 103 24.78 -2.95 19.07
C GLU A 103 25.61 -2.16 18.05
N ASP A 104 25.73 -2.69 16.84
CA ASP A 104 26.40 -1.98 15.74
C ASP A 104 25.71 -0.64 15.49
N ALA A 105 24.37 -0.68 15.43
CA ALA A 105 23.59 0.55 15.22
C ALA A 105 23.88 1.54 16.33
N ALA A 106 23.97 1.03 17.57
CA ALA A 106 24.29 1.86 18.75
C ALA A 106 25.69 2.48 18.65
N ARG A 107 26.62 1.75 18.06
CA ARG A 107 27.97 2.29 17.79
C ARG A 107 27.89 3.48 16.85
N ILE A 108 27.14 3.30 15.75
CA ILE A 108 26.95 4.36 14.77
C ILE A 108 26.29 5.57 15.47
N LYS A 109 25.25 5.34 16.29
CA LYS A 109 24.57 6.46 17.00
C LYS A 109 25.53 7.18 17.93
N THR A 110 26.42 6.43 18.56
CA THR A 110 27.43 7.02 19.49
C THR A 110 28.38 7.92 18.72
N ILE A 111 28.85 7.43 17.58
CA ILE A 111 29.71 8.22 16.67
C ILE A 111 28.98 9.51 16.21
N GLU A 112 27.69 9.40 15.89
CA GLU A 112 26.89 10.56 15.45
C GLU A 112 26.79 11.65 16.53
N ARG A 113 26.95 11.25 17.78
CA ARG A 113 26.92 12.22 18.87
C ARG A 113 28.12 13.15 18.72
N THR A 114 29.18 12.63 18.09
CA THR A 114 30.32 13.48 17.72
C THR A 114 30.18 14.17 16.33
N THR A 115 29.89 13.40 15.31
CA THR A 115 29.87 13.93 13.94
C THR A 115 28.66 14.82 13.65
N ASN A 116 27.52 14.57 14.32
CA ASN A 116 26.22 15.23 13.99
C ASN A 116 25.93 15.00 12.50
N HIS A 117 26.36 13.84 12.01
CA HIS A 117 26.23 13.47 10.58
C HIS A 117 26.17 11.96 10.47
N ASP A 118 25.02 11.43 10.07
CA ASP A 118 24.78 10.01 10.22
C ASP A 118 25.57 9.14 9.24
N VAL A 119 25.69 9.58 7.99
CA VAL A 119 26.44 8.79 7.03
C VAL A 119 27.95 8.80 7.31
N LYS A 120 28.49 9.95 7.75
CA LYS A 120 29.92 9.99 8.13
C LYS A 120 30.17 9.06 9.33
N ALA A 121 29.20 9.01 10.26
CA ALA A 121 29.23 8.02 11.37
C ALA A 121 29.28 6.58 10.86
N VAL A 122 28.51 6.27 9.81
CA VAL A 122 28.57 4.92 9.22
C VAL A 122 29.99 4.67 8.67
N GLU A 123 30.51 5.63 7.91
CA GLU A 123 31.88 5.58 7.43
C GLU A 123 32.88 5.33 8.60
N TYR A 124 32.88 6.17 9.63
CA TYR A 124 33.76 5.93 10.80
C TYR A 124 33.50 4.59 11.51
N PHE A 125 32.25 4.14 11.53
CA PHE A 125 31.91 2.86 12.13
C PHE A 125 32.58 1.77 11.32
N LEU A 126 32.51 1.88 9.99
CA LEU A 126 33.10 0.86 9.14
C LEU A 126 34.63 0.85 9.17
N LYS A 127 35.24 2.03 9.21
CA LYS A 127 36.69 2.13 9.42
C LYS A 127 37.13 1.46 10.73
N GLU A 128 36.35 1.63 11.80
CA GLU A 128 36.60 0.93 13.08
C GLU A 128 36.44 -0.59 12.92
N LYS A 129 35.38 -1.02 12.25
CA LYS A 129 35.09 -2.43 12.02
C LYS A 129 36.22 -3.18 11.29
N VAL A 130 36.84 -2.55 10.29
CA VAL A 130 37.87 -3.25 9.49
C VAL A 130 39.30 -3.04 10.01
N ALA A 131 39.44 -2.25 11.09
CA ALA A 131 40.75 -1.90 11.64
C ALA A 131 41.67 -3.11 11.99
N GLU A 132 41.05 -4.22 12.41
CA GLU A 132 41.77 -5.45 12.84
C GLU A 132 42.13 -6.40 11.71
N ILE A 133 41.52 -6.22 10.52
CA ILE A 133 41.88 -7.03 9.35
C ILE A 133 42.83 -6.21 8.46
N PRO A 134 44.13 -6.55 8.47
CA PRO A 134 45.10 -5.66 7.82
C PRO A 134 44.83 -5.47 6.31
N GLU A 135 44.30 -6.49 5.63
CA GLU A 135 43.92 -6.39 4.21
C GLU A 135 42.76 -5.37 3.94
N LEU A 136 41.80 -5.32 4.85
CA LEU A 136 40.72 -4.35 4.72
C LEU A 136 41.17 -2.99 5.22
N HIS A 137 41.94 -2.99 6.31
CA HIS A 137 42.42 -1.74 6.93
C HIS A 137 43.29 -0.99 5.93
N ALA A 138 43.93 -1.76 5.05
CA ALA A 138 44.83 -1.22 4.03
C ALA A 138 44.11 -0.32 3.01
N VAL A 139 42.82 -0.59 2.78
CA VAL A 139 42.01 0.16 1.78
C VAL A 139 40.91 0.99 2.50
N SER A 140 41.17 1.30 3.76
CA SER A 140 40.23 1.93 4.68
C SER A 140 39.76 3.31 4.19
N GLU A 141 40.69 4.06 3.59
CA GLU A 141 40.33 5.37 3.06
C GLU A 141 39.53 5.26 1.72
N PHE A 142 39.32 4.05 1.19
CA PHE A 142 38.41 3.86 0.06
C PHE A 142 36.96 3.54 0.44
N ILE A 143 36.69 3.46 1.74
CA ILE A 143 35.31 3.36 2.23
C ILE A 143 34.68 4.72 1.97
N HIS A 144 33.54 4.70 1.25
CA HIS A 144 32.81 5.91 0.87
C HIS A 144 33.56 6.71 -0.21
N PHE A 145 34.39 6.05 -1.02
CA PHE A 145 35.29 6.79 -1.90
C PHE A 145 34.49 7.58 -2.94
N ALA A 146 34.74 8.88 -3.04
CA ALA A 146 34.10 9.77 -4.04
C ALA A 146 32.58 9.97 -3.82
N CYS A 147 32.01 9.25 -2.86
CA CYS A 147 30.55 9.23 -2.64
C CYS A 147 30.09 10.45 -1.92
N THR A 148 28.82 10.80 -2.12
CA THR A 148 28.16 11.79 -1.28
C THR A 148 27.17 10.95 -0.44
N SER A 149 26.79 11.46 0.73
CA SER A 149 25.83 10.80 1.60
C SER A 149 24.62 10.33 0.83
N GLU A 150 24.10 11.17 -0.07
CA GLU A 150 22.88 10.82 -0.81
C GLU A 150 23.03 9.70 -1.79
N ASP A 151 24.25 9.45 -2.26
CA ASP A 151 24.53 8.22 -3.04
C ASP A 151 24.18 6.99 -2.22
N ILE A 152 24.45 7.04 -0.90
CA ILE A 152 24.26 5.91 0.00
C ILE A 152 22.78 5.87 0.36
N ASN A 153 22.25 7.04 0.74
CA ASN A 153 20.85 7.12 1.19
C ASN A 153 19.83 6.76 0.13
N ASN A 154 19.97 7.27 -1.08
CA ASN A 154 18.92 7.07 -2.07
C ASN A 154 18.83 5.60 -2.42
N LEU A 155 20.00 4.96 -2.45
CA LEU A 155 20.01 3.52 -2.76
C LEU A 155 19.43 2.70 -1.62
N SER A 156 19.68 3.14 -0.38
CA SER A 156 19.05 2.53 0.78
C SER A 156 17.55 2.63 0.71
N HIS A 157 17.02 3.83 0.41
CA HIS A 157 15.57 4.02 0.32
C HIS A 157 14.97 3.21 -0.81
N ALA A 158 15.65 3.16 -1.94
CA ALA A 158 15.17 2.33 -3.04
C ALA A 158 15.05 0.86 -2.61
N LEU A 159 16.08 0.34 -1.94
CA LEU A 159 16.04 -1.04 -1.45
C LEU A 159 14.96 -1.24 -0.42
N MET A 160 14.75 -0.25 0.45
CA MET A 160 13.65 -0.31 1.44
C MET A 160 12.29 -0.41 0.78
N LEU A 161 12.03 0.48 -0.19
CA LEU A 161 10.75 0.48 -0.93
C LEU A 161 10.56 -0.77 -1.78
N LYS A 162 11.61 -1.23 -2.42
CA LYS A 162 11.48 -2.48 -3.19
C LYS A 162 11.14 -3.65 -2.26
N THR A 163 11.81 -3.72 -1.10
CA THR A 163 11.53 -4.78 -0.14
C THR A 163 10.09 -4.72 0.37
N ALA A 164 9.67 -3.53 0.78
CA ALA A 164 8.30 -3.29 1.25
C ALA A 164 7.29 -3.68 0.19
N ARG A 165 7.52 -3.27 -1.06
CA ARG A 165 6.59 -3.59 -2.11
C ARG A 165 6.44 -5.11 -2.28
N ASP A 166 7.57 -5.79 -2.45
CA ASP A 166 7.56 -7.22 -2.80
C ASP A 166 7.22 -8.14 -1.64
N GLU A 167 7.62 -7.77 -0.42
CA GLU A 167 7.53 -8.68 0.72
C GLU A 167 6.35 -8.37 1.64
N VAL A 168 5.87 -7.13 1.60
CA VAL A 168 4.84 -6.71 2.54
C VAL A 168 3.55 -6.25 1.82
N ILE A 169 3.67 -5.20 1.02
CA ILE A 169 2.52 -4.56 0.37
C ILE A 169 1.76 -5.46 -0.59
N LEU A 170 2.43 -5.89 -1.68
CA LEU A 170 1.73 -6.67 -2.67
C LEU A 170 1.15 -8.00 -2.11
N PRO A 171 1.88 -8.71 -1.22
CA PRO A 171 1.21 -9.88 -0.59
C PRO A 171 -0.09 -9.59 0.14
N TYR A 172 -0.16 -8.48 0.89
CA TYR A 172 -1.44 -8.04 1.47
C TYR A 172 -2.48 -7.69 0.42
N TRP A 173 -2.09 -7.01 -0.65
CA TRP A 173 -3.03 -6.67 -1.73
C TRP A 173 -3.61 -7.90 -2.38
N ARG A 174 -2.74 -8.88 -2.62
CA ARG A 174 -3.20 -10.20 -3.05
C ARG A 174 -4.19 -10.88 -2.12
N GLN A 175 -3.96 -10.83 -0.79
CA GLN A 175 -4.92 -11.40 0.17
C GLN A 175 -6.25 -10.68 0.08
N LEU A 176 -6.22 -9.35 -0.01
CA LEU A 176 -7.48 -8.61 -0.12
C LEU A 176 -8.20 -8.91 -1.46
N ILE A 177 -7.50 -8.83 -2.57
CA ILE A 177 -8.11 -9.12 -3.87
C ILE A 177 -8.74 -10.51 -3.84
N ASP A 178 -7.96 -11.50 -3.40
CA ASP A 178 -8.46 -12.87 -3.34
C ASP A 178 -9.61 -13.05 -2.40
N GLY A 179 -9.56 -12.36 -1.26
CA GLY A 179 -10.62 -12.41 -0.29
C GLY A 179 -11.92 -11.84 -0.83
N ILE A 180 -11.81 -10.73 -1.55
CA ILE A 180 -13.00 -10.08 -2.11
C ILE A 180 -13.55 -10.85 -3.31
N LYS A 181 -12.66 -11.35 -4.16
CA LYS A 181 -13.03 -12.29 -5.22
C LYS A 181 -13.73 -13.50 -4.63
N ASP A 182 -13.34 -13.90 -3.42
CA ASP A 182 -13.95 -15.04 -2.80
C ASP A 182 -15.36 -14.72 -2.27
N LEU A 183 -15.56 -13.48 -1.82
CA LEU A 183 -16.90 -13.05 -1.50
C LEU A 183 -17.77 -13.03 -2.76
N ALA A 184 -17.19 -12.67 -3.91
CA ALA A 184 -17.92 -12.60 -5.19
C ALA A 184 -18.46 -13.96 -5.58
N VAL A 185 -17.57 -14.96 -5.50
CA VAL A 185 -17.95 -16.36 -5.68
C VAL A 185 -18.99 -16.86 -4.67
N GLN A 186 -18.73 -16.67 -3.37
CA GLN A 186 -19.67 -17.13 -2.35
C GLN A 186 -21.06 -16.58 -2.57
N TYR A 187 -21.13 -15.33 -2.99
CA TYR A 187 -22.41 -14.62 -3.01
C TYR A 187 -22.91 -14.31 -4.45
N ARG A 188 -22.35 -15.03 -5.42
CA ARG A 188 -22.59 -14.72 -6.85
C ARG A 188 -24.06 -14.52 -7.19
N ASP A 189 -24.93 -15.31 -6.60
CA ASP A 189 -26.27 -15.38 -7.11
C ASP A 189 -27.27 -14.87 -6.09
N ILE A 190 -26.78 -14.22 -5.05
CA ILE A 190 -27.64 -13.65 -4.02
C ILE A 190 -28.13 -12.26 -4.45
N PRO A 191 -29.44 -12.12 -4.76
CA PRO A 191 -29.93 -10.82 -5.25
C PRO A 191 -29.85 -9.73 -4.21
N LEU A 192 -29.61 -8.50 -4.66
CA LEU A 192 -29.47 -7.35 -3.79
C LEU A 192 -30.34 -6.21 -4.33
N LEU A 193 -31.16 -5.61 -3.51
CA LEU A 193 -31.76 -4.35 -3.95
C LEU A 193 -30.68 -3.27 -4.00
N SER A 194 -30.29 -2.86 -5.20
CA SER A 194 -29.24 -1.83 -5.37
C SER A 194 -29.73 -0.53 -4.80
N ARG A 195 -28.78 0.31 -4.46
CA ARG A 195 -29.09 1.67 -4.04
C ARG A 195 -28.29 2.70 -4.80
N THR A 196 -28.99 3.64 -5.45
CA THR A 196 -28.32 4.79 -6.08
C THR A 196 -28.90 6.02 -5.48
N HIS A 197 -28.04 6.98 -5.12
CA HIS A 197 -28.44 8.12 -4.30
C HIS A 197 -29.03 7.60 -3.00
N GLY A 198 -28.66 6.38 -2.60
CA GLY A 198 -29.21 5.78 -1.37
C GLY A 198 -30.60 5.21 -1.51
N GLN A 199 -31.18 5.28 -2.71
CA GLN A 199 -32.58 4.90 -2.95
C GLN A 199 -32.66 3.56 -3.71
N PRO A 200 -33.70 2.73 -3.42
CA PRO A 200 -33.96 1.48 -4.13
C PRO A 200 -33.88 1.62 -5.65
N ALA A 201 -33.04 0.78 -6.27
CA ALA A 201 -32.80 0.83 -7.71
C ALA A 201 -32.72 -0.59 -8.22
N THR A 202 -32.51 -0.68 -9.54
CA THR A 202 -32.40 -1.92 -10.28
C THR A 202 -31.51 -2.90 -9.52
N PRO A 203 -32.03 -4.11 -9.21
CA PRO A 203 -31.29 -5.14 -8.50
C PRO A 203 -29.98 -5.60 -9.16
N SER A 204 -29.08 -6.09 -8.31
CA SER A 204 -27.82 -6.71 -8.72
C SER A 204 -27.69 -7.98 -7.89
N THR A 205 -26.47 -8.53 -7.74
CA THR A 205 -26.27 -9.56 -6.73
C THR A 205 -25.14 -9.05 -5.85
N ILE A 206 -25.10 -9.55 -4.62
CA ILE A 206 -24.03 -9.27 -3.69
C ILE A 206 -22.70 -9.59 -4.32
N GLY A 207 -22.61 -10.76 -4.96
CA GLY A 207 -21.37 -11.18 -5.60
C GLY A 207 -20.89 -10.22 -6.67
N LYS A 208 -21.80 -9.66 -7.46
CA LYS A 208 -21.42 -8.71 -8.51
C LYS A 208 -20.87 -7.42 -7.92
N GLU A 209 -21.47 -6.96 -6.84
CA GLU A 209 -20.93 -5.81 -6.13
C GLU A 209 -19.50 -6.01 -5.60
N MET A 210 -19.19 -7.23 -5.14
CA MET A 210 -17.83 -7.60 -4.75
C MET A 210 -16.92 -7.67 -5.98
N ALA A 211 -17.39 -8.30 -7.04
CA ALA A 211 -16.61 -8.38 -8.28
C ALA A 211 -16.13 -7.02 -8.77
N ASN A 212 -16.97 -5.98 -8.70
CA ASN A 212 -16.55 -4.67 -9.16
C ASN A 212 -15.32 -4.20 -8.42
N VAL A 213 -15.34 -4.38 -7.10
CA VAL A 213 -14.25 -3.92 -6.25
C VAL A 213 -12.96 -4.68 -6.55
N ALA A 214 -13.09 -5.99 -6.67
CA ALA A 214 -11.93 -6.82 -6.98
C ALA A 214 -11.28 -6.36 -8.27
N TYR A 215 -12.09 -6.09 -9.29
CA TYR A 215 -11.62 -5.65 -10.60
C TYR A 215 -10.83 -4.35 -10.50
N ARG A 216 -11.37 -3.39 -9.74
CA ARG A 216 -10.64 -2.13 -9.48
C ARG A 216 -9.29 -2.34 -8.79
N MET A 217 -9.28 -3.19 -7.77
CA MET A 217 -8.06 -3.45 -7.03
C MET A 217 -6.97 -4.07 -7.88
N GLU A 218 -7.36 -4.99 -8.77
CA GLU A 218 -6.40 -5.65 -9.68
C GLU A 218 -5.71 -4.69 -10.64
N ARG A 219 -6.41 -3.64 -11.03
CA ARG A 219 -5.82 -2.62 -11.89
C ARG A 219 -4.68 -1.95 -11.15
N GLN A 220 -4.87 -1.65 -9.86
CA GLN A 220 -3.83 -0.97 -9.11
C GLN A 220 -2.68 -1.91 -8.80
N TYR A 221 -3.01 -3.16 -8.54
CA TYR A 221 -1.97 -4.19 -8.30
C TYR A 221 -0.98 -4.23 -9.45
N ARG A 222 -1.53 -4.34 -10.65
CA ARG A 222 -0.75 -4.28 -11.86
C ARG A 222 0.06 -3.00 -11.94
N GLN A 223 -0.53 -1.85 -11.63
CA GLN A 223 0.19 -0.59 -11.72
C GLN A 223 1.32 -0.47 -10.70
N LEU A 224 1.09 -0.96 -9.49
CA LEU A 224 2.15 -0.88 -8.46
C LEU A 224 3.38 -1.68 -8.89
N ASN A 225 3.16 -2.87 -9.45
CA ASN A 225 4.27 -3.67 -10.03
C ASN A 225 5.04 -2.98 -11.16
N GLN A 226 4.37 -2.11 -11.90
CA GLN A 226 4.97 -1.43 -13.02
C GLN A 226 5.74 -0.19 -12.62
N VAL A 227 5.51 0.34 -11.41
CA VAL A 227 6.23 1.55 -11.02
C VAL A 227 7.73 1.24 -10.95
N GLU A 228 8.52 2.09 -11.59
CA GLU A 228 9.98 2.03 -11.52
C GLU A 228 10.49 2.41 -10.12
N ILE A 229 11.45 1.66 -9.63
CA ILE A 229 12.10 2.02 -8.39
C ILE A 229 13.52 2.43 -8.78
N LEU A 230 13.84 3.68 -8.53
CA LEU A 230 15.04 4.27 -9.13
C LEU A 230 16.13 4.54 -8.11
N GLY A 231 17.35 4.58 -8.61
CA GLY A 231 18.49 4.84 -7.75
C GLY A 231 19.59 5.48 -8.57
N LYS A 232 20.48 6.15 -7.88
CA LYS A 232 21.58 6.80 -8.57
C LYS A 232 22.85 6.68 -7.75
N ILE A 233 23.98 6.87 -8.40
CA ILE A 233 25.23 7.05 -7.66
C ILE A 233 26.15 7.90 -8.56
N ASN A 234 26.51 9.10 -8.10
CA ASN A 234 27.20 10.05 -8.98
C ASN A 234 27.84 11.25 -8.32
N GLY A 235 28.01 11.21 -7.00
CA GLY A 235 28.80 12.24 -6.33
C GLY A 235 27.98 13.45 -5.90
N ALA A 236 28.71 14.43 -5.37
CA ALA A 236 28.10 15.52 -4.58
C ALA A 236 26.95 16.19 -5.25
N VAL A 237 27.02 16.43 -6.57
CA VAL A 237 25.95 17.17 -7.27
C VAL A 237 25.50 16.54 -8.57
N GLY A 238 25.92 15.28 -8.79
CA GLY A 238 25.39 14.51 -9.90
C GLY A 238 26.27 14.32 -11.11
N ASN A 239 27.51 14.80 -11.05
CA ASN A 239 28.34 14.90 -12.24
C ASN A 239 29.65 14.11 -12.15
N TYR A 240 29.77 13.20 -11.15
CA TYR A 240 31.02 12.43 -10.92
C TYR A 240 32.27 13.32 -10.72
N ASN A 241 32.12 14.55 -10.21
CA ASN A 241 33.29 15.46 -10.18
C ASN A 241 34.49 14.84 -9.45
N ALA A 242 34.24 14.32 -8.23
CA ALA A 242 35.31 13.82 -7.36
C ALA A 242 35.92 12.55 -8.00
N HIS A 243 35.04 11.71 -8.55
CA HIS A 243 35.47 10.47 -9.21
C HIS A 243 36.47 10.78 -10.30
N ILE A 244 36.11 11.74 -11.15
CA ILE A 244 36.94 12.11 -12.31
C ILE A 244 38.23 12.83 -11.89
N ALA A 245 38.17 13.58 -10.80
CA ALA A 245 39.35 14.25 -10.26
C ALA A 245 40.42 13.23 -9.91
N ALA A 246 40.01 12.13 -9.27
CA ALA A 246 40.97 11.09 -8.81
C ALA A 246 41.28 10.05 -9.87
N TYR A 247 40.24 9.67 -10.63
CA TYR A 247 40.34 8.63 -11.67
C TYR A 247 39.75 9.08 -12.99
N PRO A 248 40.42 10.01 -13.67
CA PRO A 248 39.86 10.50 -14.94
C PRO A 248 39.72 9.45 -16.04
N GLU A 249 40.42 8.33 -15.93
CA GLU A 249 40.38 7.37 -17.02
C GLU A 249 39.31 6.30 -16.83
N VAL A 250 38.64 6.29 -15.67
CA VAL A 250 37.56 5.33 -15.44
C VAL A 250 36.23 5.89 -16.00
N ASP A 251 35.43 5.02 -16.62
CA ASP A 251 34.14 5.41 -17.16
C ASP A 251 33.15 5.30 -15.98
N TRP A 252 33.00 6.39 -15.26
CA TRP A 252 32.17 6.41 -14.06
C TRP A 252 30.70 6.31 -14.41
N HIS A 253 30.33 6.75 -15.61
CA HIS A 253 28.92 6.74 -16.03
C HIS A 253 28.47 5.27 -16.18
N GLN A 254 29.33 4.46 -16.78
CA GLN A 254 29.10 3.01 -16.84
C GLN A 254 29.17 2.35 -15.47
N PHE A 255 30.12 2.79 -14.63
CA PHE A 255 30.33 2.24 -13.29
C PHE A 255 29.06 2.43 -12.48
N SER A 256 28.52 3.65 -12.48
CA SER A 256 27.25 3.98 -11.86
C SER A 256 26.08 3.06 -12.28
N GLU A 257 25.85 2.96 -13.59
CA GLU A 257 24.77 2.12 -14.07
C GLU A 257 24.93 0.67 -13.60
N GLU A 258 26.17 0.17 -13.65
CA GLU A 258 26.46 -1.21 -13.22
C GLU A 258 26.17 -1.40 -11.76
N PHE A 259 26.61 -0.45 -10.97
CA PHE A 259 26.48 -0.59 -9.54
C PHE A 259 25.02 -0.61 -9.15
N VAL A 260 24.26 0.42 -9.58
CA VAL A 260 22.83 0.53 -9.24
C VAL A 260 22.04 -0.69 -9.66
N THR A 261 22.20 -1.09 -10.92
CA THR A 261 21.53 -2.30 -11.43
C THR A 261 21.99 -3.60 -10.74
N SER A 262 23.25 -3.66 -10.32
CA SER A 262 23.75 -4.81 -9.53
C SER A 262 23.01 -4.98 -8.20
N LEU A 263 22.47 -3.88 -7.66
CA LEU A 263 21.64 -3.91 -6.46
C LEU A 263 20.20 -4.30 -6.75
N GLY A 264 19.86 -4.48 -8.03
CA GLY A 264 18.48 -4.76 -8.43
C GLY A 264 17.58 -3.54 -8.51
N ILE A 265 18.19 -2.36 -8.59
CA ILE A 265 17.46 -1.08 -8.70
C ILE A 265 17.59 -0.57 -10.14
N GLN A 266 16.57 0.13 -10.63
CA GLN A 266 16.61 0.72 -11.97
CA GLN A 266 16.63 0.74 -11.96
C GLN A 266 17.39 2.05 -11.92
N TRP A 267 18.22 2.31 -12.93
CA TRP A 267 19.14 3.44 -12.93
C TRP A 267 18.50 4.78 -13.32
N ASN A 268 18.77 5.79 -12.50
CA ASN A 268 18.40 7.19 -12.79
C ASN A 268 19.70 8.01 -13.06
N PRO A 269 20.03 8.24 -14.34
CA PRO A 269 21.31 8.86 -14.70
C PRO A 269 21.42 10.38 -14.51
N TYR A 270 20.27 11.08 -14.42
CA TYR A 270 20.24 12.55 -14.35
C TYR A 270 19.70 12.98 -13.01
N THR A 271 20.58 13.45 -12.13
CA THR A 271 20.19 13.85 -10.79
C THR A 271 20.99 15.05 -10.30
N THR A 272 20.52 15.70 -9.23
CA THR A 272 21.36 16.64 -8.53
C THR A 272 22.11 15.85 -7.45
N GLN A 273 22.28 16.44 -6.27
CA GLN A 273 22.84 15.67 -5.17
C GLN A 273 21.91 14.53 -4.77
N ILE A 274 20.59 14.75 -4.88
CA ILE A 274 19.61 13.75 -4.49
C ILE A 274 19.08 13.05 -5.71
N GLU A 275 18.60 11.81 -5.50
CA GLU A 275 17.64 11.23 -6.45
C GLU A 275 16.32 12.05 -6.28
N PRO A 276 15.71 12.51 -7.39
CA PRO A 276 14.61 13.50 -7.27
C PRO A 276 13.28 13.11 -6.60
N HIS A 277 13.08 11.82 -6.37
CA HIS A 277 11.94 11.23 -5.61
C HIS A 277 10.63 11.15 -6.40
N ASP A 278 10.64 11.43 -7.70
CA ASP A 278 9.41 11.32 -8.47
C ASP A 278 8.89 9.89 -8.40
N TYR A 279 9.79 8.88 -8.43
CA TYR A 279 9.30 7.51 -8.37
C TYR A 279 8.58 7.18 -7.05
N ILE A 280 9.00 7.80 -5.97
CA ILE A 280 8.31 7.65 -4.70
C ILE A 280 6.88 8.19 -4.79
N ALA A 281 6.71 9.38 -5.41
CA ALA A 281 5.36 9.90 -5.64
C ALA A 281 4.54 8.93 -6.51
N GLU A 282 5.15 8.29 -7.51
CA GLU A 282 4.42 7.33 -8.34
C GLU A 282 3.96 6.09 -7.57
N LEU A 283 4.86 5.56 -6.74
CA LEU A 283 4.54 4.39 -5.89
CA LEU A 283 4.55 4.39 -5.91
C LEU A 283 3.42 4.77 -4.94
N PHE A 284 3.57 5.92 -4.31
CA PHE A 284 2.61 6.34 -3.27
C PHE A 284 1.24 6.79 -3.82
N ASP A 285 1.23 7.44 -4.99
CA ASP A 285 -0.02 7.75 -5.68
C ASP A 285 -0.77 6.45 -5.95
N CYS A 286 -0.07 5.39 -6.32
CA CYS A 286 -0.72 4.12 -6.61
C CYS A 286 -1.24 3.43 -5.33
N VAL A 287 -0.45 3.46 -4.26
CA VAL A 287 -0.93 2.90 -2.97
C VAL A 287 -2.18 3.66 -2.54
N ALA A 288 -2.10 4.98 -2.65
CA ALA A 288 -3.25 5.80 -2.30
C ALA A 288 -4.50 5.51 -3.11
N ARG A 289 -4.39 5.23 -4.42
CA ARG A 289 -5.56 4.85 -5.19
C ARG A 289 -6.16 3.54 -4.70
N PHE A 290 -5.30 2.54 -4.50
CA PHE A 290 -5.77 1.29 -3.91
C PHE A 290 -6.41 1.50 -2.54
N ASN A 291 -5.81 2.31 -1.70
CA ASN A 291 -6.40 2.57 -0.37
C ASN A 291 -7.76 3.24 -0.50
N THR A 292 -7.91 4.06 -1.55
CA THR A 292 -9.19 4.77 -1.75
C THR A 292 -10.26 3.77 -2.17
N ILE A 293 -9.88 2.82 -3.02
CA ILE A 293 -10.80 1.74 -3.37
C ILE A 293 -11.23 0.94 -2.14
N LEU A 294 -10.32 0.74 -1.22
CA LEU A 294 -10.63 -0.03 0.00
C LEU A 294 -11.46 0.80 0.99
N ILE A 295 -11.22 2.12 1.05
CA ILE A 295 -12.14 2.98 1.82
C ILE A 295 -13.59 2.85 1.31
N ASP A 296 -13.76 2.92 -0.01
CA ASP A 296 -15.05 2.76 -0.67
C ASP A 296 -15.67 1.41 -0.25
N PHE A 297 -14.91 0.33 -0.35
CA PHE A 297 -15.38 -0.99 0.07
C PHE A 297 -15.75 -1.06 1.56
N ASP A 298 -14.87 -0.55 2.43
CA ASP A 298 -15.12 -0.55 3.90
C ASP A 298 -16.44 0.18 4.21
N ARG A 299 -16.63 1.36 3.62
CA ARG A 299 -17.86 2.17 3.80
C ARG A 299 -19.08 1.46 3.26
N ASP A 300 -18.95 0.80 2.12
CA ASP A 300 -20.12 0.12 1.55
C ASP A 300 -20.55 -1.06 2.41
N VAL A 301 -19.58 -1.86 2.84
CA VAL A 301 -19.85 -2.99 3.74
C VAL A 301 -20.39 -2.53 5.07
N TRP A 302 -19.85 -1.45 5.61
CA TRP A 302 -20.42 -0.86 6.85
C TRP A 302 -21.90 -0.57 6.61
N GLY A 303 -22.18 0.02 5.45
CA GLY A 303 -23.57 0.26 5.01
C GLY A 303 -24.43 -0.98 4.82
N TYR A 304 -23.90 -2.05 4.19
CA TYR A 304 -24.66 -3.30 4.08
C TYR A 304 -24.96 -3.96 5.42
N ILE A 305 -24.00 -3.86 6.35
CA ILE A 305 -24.21 -4.28 7.74
C ILE A 305 -25.30 -3.42 8.43
N ALA A 306 -25.27 -2.11 8.21
CA ALA A 306 -26.30 -1.22 8.81
C ALA A 306 -27.70 -1.57 8.32
N LEU A 307 -27.79 -1.97 7.05
CA LEU A 307 -29.07 -2.35 6.43
C LEU A 307 -29.52 -3.77 6.81
N ASN A 308 -28.67 -4.48 7.52
CA ASN A 308 -28.91 -5.89 7.92
C ASN A 308 -28.83 -6.86 6.74
N HIS A 309 -28.11 -6.48 5.69
CA HIS A 309 -27.86 -7.41 4.60
C HIS A 309 -26.78 -8.40 4.95
N PHE A 310 -25.90 -7.99 5.85
CA PHE A 310 -24.91 -8.89 6.41
C PHE A 310 -25.08 -8.89 7.91
N LYS A 311 -24.95 -10.06 8.51
CA LYS A 311 -24.74 -10.17 9.96
C LYS A 311 -23.27 -10.48 10.13
N GLN A 312 -22.76 -10.26 11.34
CA GLN A 312 -21.37 -10.55 11.62
C GLN A 312 -21.30 -11.60 12.70
N LYS A 313 -20.34 -12.49 12.57
CA LYS A 313 -20.23 -13.55 13.52
C LYS A 313 -19.76 -12.98 14.86
N THR A 314 -20.25 -13.56 15.95
CA THR A 314 -19.80 -13.12 17.25
C THR A 314 -18.90 -14.13 17.94
N ILE A 315 -18.06 -13.61 18.83
CA ILE A 315 -17.05 -14.42 19.49
C ILE A 315 -17.33 -14.42 20.99
N ALA A 316 -17.26 -15.60 21.58
CA ALA A 316 -17.42 -15.82 23.02
C ALA A 316 -16.55 -14.87 23.83
N GLY A 317 -17.18 -14.20 24.79
CA GLY A 317 -16.47 -13.32 25.73
C GLY A 317 -16.38 -11.89 25.24
N GLU A 318 -16.57 -11.68 23.93
CA GLU A 318 -16.41 -10.34 23.37
C GLU A 318 -17.58 -9.42 23.75
N ILE A 319 -17.27 -8.13 23.83
CA ILE A 319 -18.18 -7.10 24.29
C ILE A 319 -18.42 -6.15 23.13
N GLY A 320 -19.69 -5.95 22.75
CA GLY A 320 -20.03 -5.04 21.66
C GLY A 320 -20.06 -3.56 22.05
N SER A 321 -20.46 -3.27 23.28
CA SER A 321 -20.67 -1.90 23.74
C SER A 321 -20.52 -1.87 25.24
N SER A 322 -19.99 -0.78 25.79
CA SER A 322 -19.90 -0.70 27.22
C SER A 322 -21.29 -0.69 27.91
N THR A 323 -22.33 -0.15 27.25
CA THR A 323 -23.66 0.05 27.85
C THR A 323 -24.78 -0.73 27.19
N MET A 324 -24.68 -0.94 25.87
CA MET A 324 -25.73 -1.56 25.05
C MET A 324 -25.34 -3.01 24.77
N PRO A 325 -25.80 -3.95 25.64
CA PRO A 325 -25.44 -5.37 25.62
C PRO A 325 -25.69 -6.04 24.27
N HIS A 326 -26.70 -5.56 23.54
CA HIS A 326 -27.13 -6.17 22.25
C HIS A 326 -26.18 -5.95 21.05
N LYS A 327 -25.22 -5.04 21.17
CA LYS A 327 -24.52 -4.51 19.99
C LYS A 327 -23.55 -5.52 19.40
N VAL A 328 -23.62 -5.69 18.08
CA VAL A 328 -22.56 -6.34 17.31
C VAL A 328 -22.21 -5.31 16.21
N ASN A 329 -21.02 -4.71 16.29
CA ASN A 329 -20.61 -3.59 15.42
C ASN A 329 -19.53 -4.01 14.42
N PRO A 330 -19.49 -3.39 13.19
CA PRO A 330 -18.47 -3.62 12.15
C PRO A 330 -17.15 -2.90 12.44
N ILE A 331 -16.64 -3.11 13.65
CA ILE A 331 -15.52 -2.35 14.14
C ILE A 331 -14.25 -2.53 13.34
N ASP A 332 -14.08 -3.69 12.72
CA ASP A 332 -12.88 -3.95 11.91
C ASP A 332 -12.85 -3.09 10.62
N PHE A 333 -14.01 -2.90 10.00
CA PHE A 333 -14.12 -2.03 8.80
C PHE A 333 -13.92 -0.59 9.18
N GLU A 334 -14.41 -0.21 10.35
CA GLU A 334 -14.24 1.16 10.79
C GLU A 334 -12.78 1.43 11.11
N ASN A 335 -12.10 0.49 11.77
CA ASN A 335 -10.67 0.69 12.08
C ASN A 335 -9.90 0.82 10.78
N SER A 336 -10.25 -0.02 9.81
CA SER A 336 -9.59 0.03 8.50
C SER A 336 -9.82 1.39 7.82
N GLU A 337 -11.07 1.80 7.75
CA GLU A 337 -11.42 3.09 7.14
C GLU A 337 -10.64 4.24 7.75
N GLY A 338 -10.63 4.37 9.09
CA GLY A 338 -9.83 5.42 9.73
C GLY A 338 -8.33 5.36 9.40
N ASN A 339 -7.72 4.17 9.46
CA ASN A 339 -6.28 4.09 9.16
C ASN A 339 -5.94 4.34 7.69
N LEU A 340 -6.86 4.04 6.78
CA LEU A 340 -6.60 4.32 5.35
C LEU A 340 -6.63 5.81 5.11
N GLY A 341 -7.49 6.52 5.81
CA GLY A 341 -7.47 8.01 5.78
C GLY A 341 -6.12 8.55 6.18
N LEU A 342 -5.57 8.01 7.26
CA LEU A 342 -4.31 8.50 7.78
C LEU A 342 -3.18 8.10 6.86
N SER A 343 -3.24 6.88 6.37
CA SER A 343 -2.25 6.45 5.41
C SER A 343 -2.19 7.42 4.24
N ASN A 344 -3.33 7.67 3.62
CA ASN A 344 -3.38 8.56 2.45
C ASN A 344 -2.88 9.97 2.72
N ALA A 345 -3.18 10.50 3.90
CA ALA A 345 -2.75 11.83 4.27
C ALA A 345 -1.24 11.93 4.34
N VAL A 346 -0.61 10.91 4.91
CA VAL A 346 0.86 10.86 4.97
C VAL A 346 1.42 10.62 3.57
N LEU A 347 0.88 9.63 2.88
CA LEU A 347 1.37 9.34 1.51
C LEU A 347 1.27 10.53 0.56
N GLN A 348 0.15 11.26 0.65
CA GLN A 348 -0.05 12.44 -0.19
C GLN A 348 0.93 13.52 0.18
N HIS A 349 1.17 13.72 1.46
CA HIS A 349 2.15 14.73 1.82
C HIS A 349 3.53 14.38 1.26
N LEU A 350 3.95 13.11 1.39
CA LEU A 350 5.27 12.73 0.89
C LEU A 350 5.35 12.89 -0.62
N ALA A 351 4.30 12.43 -1.30
CA ALA A 351 4.26 12.53 -2.75
C ALA A 351 4.33 13.95 -3.25
N SER A 352 3.70 14.91 -2.53
CA SER A 352 3.69 16.29 -2.98
CA SER A 352 3.70 16.29 -2.98
C SER A 352 4.96 17.05 -2.62
N LYS A 353 5.57 16.67 -1.49
CA LYS A 353 6.63 17.45 -0.91
C LYS A 353 8.00 16.96 -1.31
N LEU A 354 8.22 15.65 -1.32
CA LEU A 354 9.56 15.10 -1.59
C LEU A 354 10.21 15.57 -2.88
N PRO A 355 9.45 15.63 -3.99
CA PRO A 355 10.10 16.03 -5.29
C PRO A 355 10.46 17.51 -5.47
N VAL A 356 10.20 18.33 -4.45
CA VAL A 356 10.62 19.72 -4.53
C VAL A 356 11.79 19.90 -3.56
N SER A 357 12.95 20.27 -4.07
CA SER A 357 14.13 20.45 -3.24
C SER A 357 14.90 21.61 -3.84
N ARG A 358 15.30 22.54 -3.01
CA ARG A 358 15.93 23.74 -3.48
C ARG A 358 17.28 23.53 -4.13
N TRP A 359 17.38 24.02 -5.37
CA TRP A 359 18.61 24.00 -6.14
C TRP A 359 19.12 22.57 -6.10
N GLN A 360 20.40 22.36 -5.80
CA GLN A 360 20.95 21.00 -5.93
C GLN A 360 20.63 20.09 -4.76
N ARG A 361 19.96 20.66 -3.74
CA ARG A 361 19.06 19.95 -2.81
C ARG A 361 19.00 20.75 -1.50
N ASP A 362 17.94 20.56 -0.74
CA ASP A 362 17.92 21.07 0.64
C ASP A 362 17.64 19.82 1.47
N LEU A 363 17.79 19.93 2.79
CA LEU A 363 17.75 18.74 3.69
C LEU A 363 16.36 18.41 4.26
N THR A 364 15.34 19.13 3.83
CA THR A 364 14.00 18.84 4.29
C THR A 364 13.56 17.43 3.95
N ASP A 365 14.00 16.88 2.82
CA ASP A 365 13.69 15.50 2.48
C ASP A 365 14.25 14.40 3.42
N SER A 366 15.41 14.63 4.05
CA SER A 366 15.95 13.65 5.02
C SER A 366 15.00 13.29 6.15
N THR A 367 14.46 14.27 6.86
CA THR A 367 13.57 13.93 7.97
C THR A 367 12.25 13.39 7.50
N VAL A 368 11.78 13.87 6.34
CA VAL A 368 10.52 13.41 5.77
C VAL A 368 10.62 11.93 5.31
N LEU A 369 11.74 11.56 4.72
CA LEU A 369 11.94 10.19 4.25
C LEU A 369 12.07 9.18 5.38
N ARG A 370 12.30 9.66 6.60
CA ARG A 370 12.25 8.76 7.77
C ARG A 370 10.85 8.28 8.07
N ASN A 371 9.89 8.88 7.40
CA ASN A 371 8.49 8.54 7.55
C ASN A 371 7.91 7.64 6.43
N LEU A 372 8.76 7.09 5.57
CA LEU A 372 8.25 6.21 4.53
C LEU A 372 7.44 5.08 5.15
N GLY A 373 7.90 4.49 6.24
CA GLY A 373 7.22 3.38 6.84
C GLY A 373 5.93 3.71 7.55
N VAL A 374 5.78 4.98 7.91
CA VAL A 374 4.61 5.48 8.64
C VAL A 374 3.33 5.40 7.78
N GLY A 375 3.38 6.01 6.60
CA GLY A 375 2.27 5.98 5.65
C GLY A 375 1.94 4.54 5.30
N ILE A 376 2.98 3.75 5.04
CA ILE A 376 2.81 2.32 4.74
C ILE A 376 2.28 1.54 5.96
N GLY A 377 2.72 1.92 7.16
CA GLY A 377 2.27 1.29 8.43
C GLY A 377 0.76 1.39 8.60
N TYR A 378 0.23 2.61 8.49
CA TYR A 378 -1.22 2.80 8.60
C TYR A 378 -1.99 1.92 7.62
N ALA A 379 -1.51 1.89 6.38
CA ALA A 379 -2.17 1.06 5.38
C ALA A 379 -2.16 -0.41 5.77
N LEU A 380 -1.03 -0.91 6.26
CA LEU A 380 -0.94 -2.35 6.65
C LEU A 380 -1.89 -2.68 7.77
N ILE A 381 -2.00 -1.78 8.74
CA ILE A 381 -2.92 -1.94 9.83
C ILE A 381 -4.36 -2.04 9.30
N ALA A 382 -4.69 -1.17 8.35
CA ALA A 382 -6.00 -1.20 7.70
C ALA A 382 -6.25 -2.49 6.92
N TYR A 383 -5.24 -2.97 6.18
CA TYR A 383 -5.43 -4.19 5.38
C TYR A 383 -5.79 -5.39 6.28
N GLN A 384 -5.11 -5.48 7.41
CA GLN A 384 -5.34 -6.58 8.33
C GLN A 384 -6.70 -6.50 8.92
N SER A 385 -7.12 -5.30 9.28
CA SER A 385 -8.46 -5.08 9.81
CA SER A 385 -8.44 -5.08 9.81
C SER A 385 -9.56 -5.44 8.81
N THR A 386 -9.43 -4.99 7.57
CA THR A 386 -10.44 -5.33 6.55
C THR A 386 -10.51 -6.87 6.48
N LEU A 387 -9.34 -7.49 6.42
CA LEU A 387 -9.29 -8.96 6.36
C LEU A 387 -10.00 -9.63 7.54
N LYS A 388 -9.77 -9.10 8.74
CA LYS A 388 -10.51 -9.59 9.90
C LYS A 388 -12.01 -9.39 9.76
N GLY A 389 -12.43 -8.20 9.35
CA GLY A 389 -13.85 -7.93 9.24
C GLY A 389 -14.50 -8.82 8.19
N VAL A 390 -13.80 -9.06 7.08
CA VAL A 390 -14.34 -9.91 6.02
C VAL A 390 -14.59 -11.37 6.55
N SER A 391 -13.66 -11.88 7.36
CA SER A 391 -13.77 -13.26 7.88
C SER A 391 -14.99 -13.43 8.80
N LYS A 392 -15.55 -12.32 9.26
CA LYS A 392 -16.73 -12.34 10.09
C LYS A 392 -18.08 -12.17 9.38
N LEU A 393 -18.07 -11.86 8.09
CA LEU A 393 -19.31 -11.62 7.35
C LEU A 393 -20.15 -12.88 7.16
N GLU A 394 -21.45 -12.75 7.41
CA GLU A 394 -22.48 -13.76 7.09
C GLU A 394 -23.63 -13.05 6.37
N VAL A 395 -23.90 -13.44 5.14
CA VAL A 395 -24.95 -12.81 4.37
C VAL A 395 -26.32 -13.16 4.95
N ASN A 396 -27.21 -12.16 5.01
CA ASN A 396 -28.57 -12.33 5.49
C ASN A 396 -29.55 -12.46 4.32
N ARG A 397 -29.65 -13.65 3.73
CA ARG A 397 -30.47 -13.85 2.54
C ARG A 397 -31.93 -13.56 2.81
N ASP A 398 -32.43 -13.95 3.98
CA ASP A 398 -33.81 -13.67 4.35
C ASP A 398 -34.14 -12.19 4.32
N HIS A 399 -33.23 -11.36 4.85
CA HIS A 399 -33.46 -9.92 4.82
C HIS A 399 -33.38 -9.39 3.38
N LEU A 400 -32.35 -9.79 2.64
CA LEU A 400 -32.17 -9.31 1.26
C LEU A 400 -33.41 -9.56 0.39
N LEU A 401 -33.94 -10.76 0.50
CA LEU A 401 -35.11 -11.18 -0.29
C LEU A 401 -36.38 -10.52 0.14
N ASP A 402 -36.55 -10.39 1.45
CA ASP A 402 -37.72 -9.71 1.98
C ASP A 402 -37.79 -8.24 1.55
N GLU A 403 -36.64 -7.55 1.58
CA GLU A 403 -36.56 -6.18 1.08
C GLU A 403 -36.91 -6.10 -0.42
N LEU A 404 -36.30 -6.96 -1.23
CA LEU A 404 -36.64 -6.99 -2.65
C LEU A 404 -38.15 -7.12 -2.82
N ASP A 405 -38.78 -8.02 -2.04
CA ASP A 405 -40.21 -8.30 -2.16
C ASP A 405 -41.12 -7.13 -1.73
N HIS A 406 -40.54 -6.08 -1.18
CA HIS A 406 -41.29 -4.88 -0.84
C HIS A 406 -40.94 -3.72 -1.75
N ASN A 407 -40.30 -4.02 -2.88
CA ASN A 407 -39.81 -2.95 -3.77
C ASN A 407 -40.11 -3.23 -5.24
N TRP A 408 -41.34 -3.65 -5.49
CA TRP A 408 -41.87 -3.92 -6.82
C TRP A 408 -41.81 -2.74 -7.77
N GLU A 409 -41.69 -1.52 -7.25
CA GLU A 409 -41.57 -0.37 -8.15
C GLU A 409 -40.31 -0.41 -9.03
N VAL A 410 -39.27 -1.14 -8.62
CA VAL A 410 -38.06 -1.24 -9.46
C VAL A 410 -38.33 -1.95 -10.80
N LEU A 411 -39.50 -2.58 -10.95
CA LEU A 411 -39.86 -3.19 -12.26
C LEU A 411 -40.44 -2.14 -13.25
N ALA A 412 -40.55 -0.88 -12.84
CA ALA A 412 -40.97 0.20 -13.75
C ALA A 412 -39.98 0.33 -14.93
N GLU A 413 -38.69 0.21 -14.63
CA GLU A 413 -37.67 0.27 -15.69
C GLU A 413 -37.82 -0.79 -16.80
N PRO A 414 -37.83 -2.10 -16.46
CA PRO A 414 -37.96 -3.06 -17.55
C PRO A 414 -39.32 -2.98 -18.26
N ILE A 415 -40.40 -2.70 -17.53
CA ILE A 415 -41.72 -2.51 -18.16
C ILE A 415 -41.65 -1.38 -19.21
N GLN A 416 -41.14 -0.20 -18.81
CA GLN A 416 -41.07 0.94 -19.77
C GLN A 416 -40.13 0.68 -20.97
N THR A 417 -39.09 -0.11 -20.76
CA THR A 417 -38.14 -0.43 -21.81
C THR A 417 -38.72 -1.42 -22.82
N VAL A 418 -39.42 -2.42 -22.31
CA VAL A 418 -40.19 -3.33 -23.17
C VAL A 418 -41.26 -2.54 -23.93
N MET A 419 -41.95 -1.61 -23.26
CA MET A 419 -42.93 -0.77 -23.96
C MET A 419 -42.32 0.05 -25.10
N ARG A 420 -41.11 0.56 -24.90
CA ARG A 420 -40.36 1.31 -25.92
C ARG A 420 -40.10 0.42 -27.11
N ARG A 421 -39.68 -0.82 -26.86
CA ARG A 421 -39.36 -1.75 -27.93
C ARG A 421 -40.60 -1.91 -28.81
N TYR A 422 -41.77 -2.05 -28.18
CA TYR A 422 -43.00 -2.38 -28.91
C TYR A 422 -43.92 -1.20 -29.22
N GLY A 423 -43.36 0.01 -29.25
CA GLY A 423 -44.06 1.15 -29.81
C GLY A 423 -45.23 1.71 -29.03
N ILE A 424 -45.30 1.41 -27.74
CA ILE A 424 -46.32 2.05 -26.89
C ILE A 424 -45.95 3.52 -26.63
N GLU A 425 -46.93 4.41 -26.69
CA GLU A 425 -46.69 5.86 -26.53
C GLU A 425 -46.28 6.19 -25.09
N LYS A 426 -45.29 7.08 -24.97
CA LYS A 426 -44.89 7.67 -23.68
C LYS A 426 -44.66 6.68 -22.53
N PRO A 427 -43.80 5.64 -22.74
CA PRO A 427 -43.69 4.58 -21.74
C PRO A 427 -43.12 5.09 -20.41
N TYR A 428 -42.03 5.88 -20.47
CA TYR A 428 -41.41 6.38 -19.24
C TYR A 428 -42.40 7.23 -18.47
N GLU A 429 -43.04 8.16 -19.19
CA GLU A 429 -44.01 9.06 -18.60
C GLU A 429 -45.16 8.29 -17.92
N LYS A 430 -45.65 7.23 -18.57
CA LYS A 430 -46.72 6.39 -17.99
C LYS A 430 -46.28 5.68 -16.70
N LEU A 431 -45.03 5.21 -16.66
CA LEU A 431 -44.54 4.53 -15.46
C LEU A 431 -44.20 5.52 -14.35
N LYS A 432 -43.74 6.71 -14.73
CA LYS A 432 -43.50 7.79 -13.75
C LYS A 432 -44.81 8.10 -13.02
N GLU A 433 -45.88 8.25 -13.81
CA GLU A 433 -47.22 8.47 -13.28
C GLU A 433 -47.67 7.36 -12.31
N LEU A 434 -47.42 6.10 -12.69
CA LEU A 434 -47.78 4.95 -11.83
C LEU A 434 -47.00 4.84 -10.51
N THR A 435 -45.70 5.18 -10.54
CA THR A 435 -44.79 4.77 -9.47
C THR A 435 -44.08 5.89 -8.70
N ARG A 436 -43.83 7.05 -9.33
CA ARG A 436 -43.00 8.05 -8.66
C ARG A 436 -43.73 8.66 -7.46
N GLY A 437 -43.19 8.43 -6.27
CA GLY A 437 -43.80 8.88 -5.02
C GLY A 437 -45.01 8.07 -4.58
N LYS A 438 -45.15 6.86 -5.13
CA LYS A 438 -46.33 6.01 -4.91
C LYS A 438 -45.93 4.58 -4.54
N ARG A 439 -46.76 3.93 -3.73
CA ARG A 439 -46.53 2.55 -3.32
C ARG A 439 -47.30 1.65 -4.25
N VAL A 440 -46.59 0.73 -4.90
CA VAL A 440 -47.20 -0.21 -5.83
C VAL A 440 -46.64 -1.58 -5.54
N ASP A 441 -47.52 -2.56 -5.37
CA ASP A 441 -47.08 -3.90 -5.02
C ASP A 441 -47.16 -4.80 -6.24
N ALA A 442 -46.91 -6.10 -6.05
CA ALA A 442 -46.89 -7.06 -7.14
C ALA A 442 -48.19 -7.09 -7.89
N GLU A 443 -49.31 -7.05 -7.16
CA GLU A 443 -50.63 -7.07 -7.79
C GLU A 443 -50.85 -5.79 -8.61
N GLY A 444 -50.37 -4.67 -8.09
CA GLY A 444 -50.47 -3.37 -8.77
C GLY A 444 -49.64 -3.37 -10.04
N MET A 445 -48.44 -3.94 -9.96
CA MET A 445 -47.58 -3.98 -11.14
C MET A 445 -48.17 -4.93 -12.19
N LYS A 446 -48.73 -6.06 -11.75
CA LYS A 446 -49.30 -7.06 -12.66
C LYS A 446 -50.56 -6.53 -13.38
N GLN A 447 -51.37 -5.77 -12.66
CA GLN A 447 -52.58 -5.23 -13.27
C GLN A 447 -52.21 -4.16 -14.30
N PHE A 448 -51.11 -3.46 -14.06
CA PHE A 448 -50.66 -2.48 -15.02
C PHE A 448 -50.19 -3.17 -16.29
N ILE A 449 -49.38 -4.21 -16.14
CA ILE A 449 -48.88 -5.00 -17.26
C ILE A 449 -50.03 -5.57 -18.04
N ASP A 450 -51.04 -6.08 -17.34
CA ASP A 450 -52.18 -6.70 -18.01
C ASP A 450 -52.93 -5.77 -18.98
N GLY A 451 -52.94 -4.48 -18.65
CA GLY A 451 -53.64 -3.46 -19.43
C GLY A 451 -52.86 -2.91 -20.60
N LEU A 452 -51.65 -3.42 -20.82
CA LEU A 452 -50.74 -2.92 -21.86
C LEU A 452 -50.96 -3.64 -23.18
N ALA A 453 -50.79 -2.92 -24.29
CA ALA A 453 -50.96 -3.47 -25.64
C ALA A 453 -49.68 -4.11 -26.14
N LEU A 454 -49.27 -5.18 -25.47
CA LEU A 454 -48.01 -5.84 -25.76
C LEU A 454 -48.29 -7.25 -26.25
N PRO A 455 -47.35 -7.84 -27.01
CA PRO A 455 -47.56 -9.24 -27.35
C PRO A 455 -47.65 -10.11 -26.09
N GLU A 456 -48.51 -11.12 -26.11
CA GLU A 456 -48.75 -11.96 -24.93
C GLU A 456 -47.49 -12.54 -24.30
N GLU A 457 -46.55 -13.03 -25.11
CA GLU A 457 -45.31 -13.61 -24.58
C GLU A 457 -44.48 -12.59 -23.78
N GLU A 458 -44.55 -11.33 -24.18
CA GLU A 458 -43.87 -10.26 -23.48
C GLU A 458 -44.58 -9.92 -22.18
N LYS A 459 -45.90 -9.94 -22.22
CA LYS A 459 -46.70 -9.72 -21.03
C LYS A 459 -46.41 -10.82 -20.02
N ALA A 460 -46.29 -12.06 -20.51
CA ALA A 460 -46.01 -13.23 -19.66
C ALA A 460 -44.62 -13.11 -19.04
N ARG A 461 -43.66 -12.63 -19.83
CA ARG A 461 -42.29 -12.41 -19.32
C ARG A 461 -42.23 -11.36 -18.23
N LEU A 462 -42.95 -10.26 -18.44
CA LEU A 462 -43.01 -9.20 -17.46
C LEU A 462 -43.76 -9.62 -16.20
N LYS A 463 -44.86 -10.34 -16.36
CA LYS A 463 -45.57 -10.89 -15.19
C LYS A 463 -44.77 -11.92 -14.38
N ALA A 464 -43.88 -12.66 -15.04
CA ALA A 464 -42.95 -13.58 -14.37
C ALA A 464 -41.74 -12.90 -13.70
N MET A 465 -41.47 -11.63 -13.99
CA MET A 465 -40.35 -11.02 -13.29
C MET A 465 -40.68 -10.58 -11.86
N THR A 466 -39.65 -10.54 -11.03
CA THR A 466 -39.78 -10.15 -9.64
C THR A 466 -38.53 -9.32 -9.40
N PRO A 467 -38.57 -8.48 -8.38
CA PRO A 467 -37.35 -7.75 -8.10
C PRO A 467 -36.16 -8.69 -7.92
N ALA A 468 -36.39 -9.87 -7.33
CA ALA A 468 -35.29 -10.77 -7.01
C ALA A 468 -34.70 -11.44 -8.24
N ASN A 469 -35.47 -11.58 -9.32
CA ASN A 469 -34.90 -12.13 -10.54
C ASN A 469 -34.58 -11.09 -11.61
N TYR A 470 -34.88 -9.82 -11.33
CA TYR A 470 -34.54 -8.78 -12.28
C TYR A 470 -33.05 -8.41 -12.09
N ILE A 471 -32.13 -9.32 -12.40
CA ILE A 471 -30.73 -9.09 -12.06
C ILE A 471 -29.81 -9.03 -13.26
N GLY A 472 -30.40 -9.04 -14.47
CA GLY A 472 -29.64 -8.88 -15.69
C GLY A 472 -28.55 -9.90 -15.78
N ARG A 473 -27.35 -9.46 -16.12
CA ARG A 473 -26.23 -10.36 -16.39
C ARG A 473 -25.29 -10.57 -15.17
N ALA A 474 -25.73 -10.14 -13.98
CA ALA A 474 -24.88 -10.18 -12.74
C ALA A 474 -24.14 -11.47 -12.46
N ILE A 475 -24.84 -12.60 -12.49
CA ILE A 475 -24.22 -13.88 -12.21
C ILE A 475 -23.12 -14.24 -13.22
N THR A 476 -23.40 -14.12 -14.51
CA THR A 476 -22.40 -14.41 -15.52
C THR A 476 -21.17 -13.47 -15.42
N MET A 477 -21.38 -12.19 -15.11
CA MET A 477 -20.30 -11.24 -14.87
CA MET A 477 -20.22 -11.30 -14.96
C MET A 477 -19.36 -11.76 -13.78
N VAL A 478 -19.97 -12.22 -12.69
CA VAL A 478 -19.17 -12.75 -11.57
C VAL A 478 -18.36 -13.96 -12.06
N ASP A 479 -19.02 -14.86 -12.78
CA ASP A 479 -18.37 -16.05 -13.31
C ASP A 479 -17.21 -15.73 -14.26
N GLU A 480 -17.29 -14.60 -14.95
CA GLU A 480 -16.28 -14.25 -15.93
C GLU A 480 -15.10 -13.50 -15.31
N LEU A 481 -15.19 -13.15 -14.04
CA LEU A 481 -14.13 -12.38 -13.40
C LEU A 481 -12.85 -13.18 -13.24
N LYS A 482 -11.74 -12.61 -13.71
CA LYS A 482 -10.36 -13.06 -13.42
C LYS A 482 -9.66 -13.90 -14.52
#